data_7L6P
#
_entry.id   7L6P
#
_cell.length_a   62.740
_cell.length_b   68.810
_cell.length_c   155.120
_cell.angle_alpha   90.000
_cell.angle_beta   90.000
_cell.angle_gamma   90.000
#
_symmetry.space_group_name_H-M   'P 21 21 21'
#
loop_
_entity.id
_entity.type
_entity.pdbx_description
1 polymer 'Dihydropteroate synthase'
2 non-polymer IMIDAZOLE
3 water water
#
_entity_poly.entity_id   1
_entity_poly.type   'polypeptide(L)'
_entity_poly.pdbx_seq_one_letter_code
;MAHHHHHHMFDTSPQLDCAGRILRLDRARVMGIVNVTPDSFSDGGAHDTTEAAVAHGLKLVEEGADLLDIGGESTRPGAA
PVSVEEELRRVIPVIEQLAARTRVPISIDTFKPEVMRAAVAAGAGMINDIYGLRQEGALDAAAATGVPVVLMHMQGEPGH
MQADPHYDDVVAEVHGFLVQRLFAAEMAGFAKKNLLIDLGFGFGKTTAHNMTLLARSERFLELGVPMLAGLSRKRSLGEL
TGRDTPSERVAASVAAHLIAVQRGARIVRVHDVAATVDALKIWQAVEAVPTPRADATPTIRWPDED
;
_entity_poly.pdbx_strand_id   A,B
#
loop_
_chem_comp.id
_chem_comp.type
_chem_comp.name
_chem_comp.formula
IMD non-polymer IMIDAZOLE 'C3 H5 N2 1'
#
# COMPACT_ATOMS: atom_id res chain seq x y z
N SER A 13 3.25 25.53 1.25
CA SER A 13 2.69 24.41 2.00
C SER A 13 2.06 24.86 3.31
N PRO A 14 0.81 24.44 3.52
CA PRO A 14 0.08 24.87 4.71
C PRO A 14 0.60 24.16 5.95
N GLN A 15 0.11 24.61 7.08
CA GLN A 15 0.54 24.01 8.33
C GLN A 15 -0.49 24.31 9.41
N LEU A 16 -0.52 23.45 10.41
CA LEU A 16 -1.35 23.66 11.58
C LEU A 16 -0.49 24.17 12.72
N ASP A 17 -0.95 25.22 13.39
CA ASP A 17 -0.37 25.64 14.66
C ASP A 17 -1.15 24.97 15.77
N CYS A 18 -0.64 23.85 16.25
CA CYS A 18 -1.30 23.04 17.26
C CYS A 18 -0.85 23.49 18.64
N ALA A 19 -1.42 24.62 19.08
CA ALA A 19 -1.08 25.24 20.35
C ALA A 19 0.42 25.44 20.50
N GLY A 20 1.04 25.94 19.43
CA GLY A 20 2.44 26.22 19.41
C GLY A 20 3.27 25.16 18.71
N ARG A 21 2.75 23.95 18.59
CA ARG A 21 3.46 22.86 17.94
C ARG A 21 3.12 22.86 16.46
N ILE A 22 4.06 23.32 15.62
CA ILE A 22 3.80 23.45 14.19
C ILE A 22 3.83 22.06 13.56
N LEU A 23 2.86 21.80 12.69
CA LEU A 23 2.75 20.57 11.91
C LEU A 23 2.68 20.96 10.43
N ARG A 24 3.76 20.71 9.71
CA ARG A 24 3.81 21.05 8.29
C ARG A 24 3.02 20.02 7.48
N LEU A 25 2.30 20.49 6.48
CA LEU A 25 1.48 19.62 5.63
C LEU A 25 1.97 19.64 4.18
N ASP A 26 3.29 19.72 3.99
CA ASP A 26 3.84 19.58 2.65
C ASP A 26 3.77 18.13 2.19
N ARG A 27 3.77 17.19 3.12
CA ARG A 27 3.55 15.79 2.81
C ARG A 27 2.57 15.24 3.81
N ALA A 28 2.03 14.04 3.53
CA ALA A 28 1.06 13.44 4.42
C ALA A 28 1.69 13.19 5.79
N ARG A 29 0.92 13.45 6.83
CA ARG A 29 1.40 13.23 8.20
C ARG A 29 0.65 12.06 8.82
N VAL A 30 1.33 11.34 9.71
CA VAL A 30 0.76 10.15 10.33
C VAL A 30 0.36 10.45 11.77
N MET A 31 -0.93 10.26 12.06
CA MET A 31 -1.50 10.43 13.40
C MET A 31 -1.64 9.06 14.04
N GLY A 32 -0.99 8.86 15.18
CA GLY A 32 -1.10 7.59 15.90
C GLY A 32 -2.31 7.54 16.83
N ILE A 33 -2.94 6.38 16.89
CA ILE A 33 -4.13 6.19 17.71
C ILE A 33 -3.72 5.69 19.08
N VAL A 34 -4.12 6.40 20.13
CA VAL A 34 -3.80 6.05 21.52
C VAL A 34 -5.12 6.02 22.28
N ASN A 35 -5.72 4.84 22.38
CA ASN A 35 -6.97 4.65 23.09
C ASN A 35 -6.68 4.30 24.55
N VAL A 36 -7.25 5.06 25.47
CA VAL A 36 -7.04 4.85 26.91
C VAL A 36 -8.26 4.10 27.44
N THR A 37 -8.15 2.78 27.51
CA THR A 37 -9.23 1.95 28.02
C THR A 37 -8.66 0.89 28.96
N PRO A 38 -9.32 0.67 30.12
CA PRO A 38 -9.01 -0.41 31.08
C PRO A 38 -9.44 -1.81 30.60
N ASP A 48 -1.72 -0.54 35.56
CA ASP A 48 -1.99 0.88 35.40
C ASP A 48 -2.20 1.23 33.93
N THR A 49 -3.46 1.57 33.56
CA THR A 49 -3.77 1.91 32.18
C THR A 49 -3.20 3.24 31.73
N THR A 50 -2.93 4.16 32.65
CA THR A 50 -2.33 5.43 32.24
C THR A 50 -0.89 5.25 31.78
N GLU A 51 -0.06 4.58 32.59
CA GLU A 51 1.34 4.40 32.22
C GLU A 51 1.46 3.58 30.93
N ALA A 52 0.54 2.61 30.74
CA ALA A 52 0.54 1.82 29.51
C ALA A 52 0.27 2.69 28.28
N ALA A 53 -0.74 3.59 28.35
CA ALA A 53 -1.11 4.41 27.21
C ALA A 53 0.00 5.40 26.86
N VAL A 54 0.61 6.00 27.87
CA VAL A 54 1.72 6.92 27.64
C VAL A 54 2.87 6.18 26.96
N ALA A 55 3.25 5.02 27.51
CA ALA A 55 4.30 4.22 26.86
C ALA A 55 3.92 3.90 25.42
N HIS A 56 2.64 3.57 25.18
CA HIS A 56 2.20 3.29 23.82
C HIS A 56 2.33 4.53 22.94
N GLY A 57 1.98 5.70 23.47
CA GLY A 57 2.14 6.92 22.69
C GLY A 57 3.58 7.19 22.33
N LEU A 58 4.48 7.03 23.30
CA LEU A 58 5.91 7.17 23.04
C LEU A 58 6.39 6.21 21.96
N LYS A 59 5.89 4.97 21.97
CA LYS A 59 6.29 3.98 20.98
C LYS A 59 5.83 4.36 19.59
N LEU A 60 4.62 4.90 19.47
CA LEU A 60 4.13 5.33 18.16
C LEU A 60 4.98 6.47 17.62
N VAL A 61 5.45 7.35 18.51
CA VAL A 61 6.31 8.44 18.09
C VAL A 61 7.63 7.90 17.54
N GLU A 62 8.29 7.01 18.29
CA GLU A 62 9.54 6.46 17.78
C GLU A 62 9.34 5.63 16.51
N GLU A 63 8.14 5.07 16.32
CA GLU A 63 7.86 4.43 15.04
C GLU A 63 7.64 5.44 13.92
N GLY A 64 7.49 6.73 14.24
CA GLY A 64 7.41 7.79 13.25
C GLY A 64 6.18 8.67 13.32
N ALA A 65 5.26 8.46 14.25
CA ALA A 65 4.02 9.23 14.27
C ALA A 65 4.33 10.72 14.42
N ASP A 66 3.67 11.54 13.58
CA ASP A 66 3.81 12.99 13.67
C ASP A 66 2.86 13.61 14.69
N LEU A 67 1.83 12.88 15.11
CA LEU A 67 0.91 13.39 16.10
C LEU A 67 0.14 12.22 16.67
N LEU A 68 -0.43 12.42 17.85
CA LEU A 68 -1.13 11.37 18.58
C LEU A 68 -2.54 11.82 18.90
N ASP A 69 -3.47 10.88 18.91
CA ASP A 69 -4.88 11.15 19.19
C ASP A 69 -5.30 10.36 20.43
N ILE A 70 -5.69 11.08 21.48
CA ILE A 70 -5.98 10.48 22.79
C ILE A 70 -7.48 10.41 22.98
N GLY A 71 -8.00 9.23 23.24
CA GLY A 71 -9.42 9.03 23.41
C GLY A 71 -9.72 8.08 24.57
N GLY A 72 -10.85 8.35 25.23
CA GLY A 72 -11.26 7.65 26.43
C GLY A 72 -12.53 6.84 26.30
N GLU A 73 -13.20 6.95 25.15
CA GLU A 73 -14.34 6.10 24.85
C GLU A 73 -13.89 4.68 24.47
N SER A 74 -14.81 3.74 24.62
CA SER A 74 -14.49 2.34 24.35
C SER A 74 -14.52 2.03 22.84
N ALA A 80 -21.26 1.06 24.84
CA ALA A 80 -21.59 1.67 26.13
C ALA A 80 -20.91 3.04 26.27
N PRO A 81 -21.70 4.11 26.33
CA PRO A 81 -21.11 5.45 26.47
C PRO A 81 -20.47 5.66 27.84
N VAL A 82 -19.39 6.44 27.83
CA VAL A 82 -18.57 6.73 29.00
C VAL A 82 -19.01 8.05 29.61
N SER A 83 -19.11 8.10 30.94
CA SER A 83 -19.45 9.36 31.59
C SER A 83 -18.30 10.35 31.50
N VAL A 84 -18.64 11.64 31.54
CA VAL A 84 -17.64 12.70 31.41
C VAL A 84 -16.61 12.61 32.54
N GLU A 85 -17.06 12.30 33.75
CA GLU A 85 -16.14 12.17 34.86
C GLU A 85 -15.07 11.12 34.57
N GLU A 86 -15.50 9.96 34.04
CA GLU A 86 -14.57 8.88 33.72
C GLU A 86 -13.71 9.20 32.50
N GLU A 87 -14.31 9.80 31.46
CA GLU A 87 -13.54 10.16 30.27
C GLU A 87 -12.38 11.09 30.62
N LEU A 88 -12.63 12.08 31.49
CA LEU A 88 -11.58 12.99 31.89
C LEU A 88 -10.53 12.29 32.73
N ARG A 89 -10.97 11.42 33.64
CA ARG A 89 -10.01 10.67 34.46
C ARG A 89 -9.10 9.80 33.59
N ARG A 90 -9.59 9.37 32.43
CA ARG A 90 -8.80 8.50 31.57
C ARG A 90 -7.79 9.27 30.72
N VAL A 91 -8.20 10.41 30.15
CA VAL A 91 -7.39 11.05 29.10
C VAL A 91 -6.50 12.17 29.63
N ILE A 92 -6.93 12.87 30.70
CA ILE A 92 -6.15 14.02 31.17
C ILE A 92 -4.75 13.63 31.61
N PRO A 93 -4.54 12.61 32.46
CA PRO A 93 -3.16 12.23 32.78
C PRO A 93 -2.38 11.80 31.56
N VAL A 94 -3.02 11.13 30.61
CA VAL A 94 -2.30 10.67 29.43
C VAL A 94 -1.88 11.85 28.57
N ILE A 95 -2.70 12.90 28.50
CA ILE A 95 -2.34 14.07 27.73
C ILE A 95 -1.25 14.86 28.44
N GLU A 96 -1.43 15.13 29.74
CA GLU A 96 -0.43 15.90 30.48
C GLU A 96 0.96 15.28 30.32
N GLN A 97 1.06 13.97 30.53
CA GLN A 97 2.37 13.31 30.51
C GLN A 97 2.94 13.25 29.09
N LEU A 98 2.11 12.86 28.11
CA LEU A 98 2.60 12.79 26.73
C LEU A 98 3.03 14.16 26.23
N ALA A 99 2.32 15.21 26.62
CA ALA A 99 2.71 16.57 26.25
C ALA A 99 4.09 16.90 26.77
N ALA A 100 4.43 16.43 27.97
CA ALA A 100 5.69 16.75 28.61
C ALA A 100 6.85 15.89 28.10
N ARG A 101 6.58 14.78 27.40
CA ARG A 101 7.63 13.86 27.02
C ARG A 101 7.78 13.70 25.51
N THR A 102 6.99 14.41 24.71
CA THR A 102 7.17 14.45 23.26
C THR A 102 7.03 15.88 22.78
N ARG A 103 7.52 16.14 21.58
CA ARG A 103 7.40 17.45 20.94
C ARG A 103 6.27 17.48 19.92
N VAL A 104 5.56 16.36 19.73
CA VAL A 104 4.51 16.25 18.72
C VAL A 104 3.19 16.80 19.24
N PRO A 105 2.30 17.24 18.34
CA PRO A 105 0.96 17.66 18.78
C PRO A 105 0.18 16.51 19.42
N ILE A 106 -0.56 16.84 20.47
CA ILE A 106 -1.42 15.88 21.17
C ILE A 106 -2.87 16.25 20.89
N SER A 107 -3.58 15.37 20.20
CA SER A 107 -4.98 15.62 19.88
C SER A 107 -5.88 14.89 20.85
N ILE A 108 -7.00 15.52 21.20
CA ILE A 108 -8.01 14.89 22.03
C ILE A 108 -9.16 14.42 21.15
N ASP A 109 -9.47 13.13 21.27
CA ASP A 109 -10.51 12.46 20.52
C ASP A 109 -11.78 12.48 21.38
N THR A 110 -12.61 13.49 21.17
CA THR A 110 -13.82 13.67 21.98
C THR A 110 -14.87 14.44 21.20
N PHE A 111 -16.11 14.28 21.63
CA PHE A 111 -17.21 15.09 21.12
C PHE A 111 -17.80 15.99 22.19
N LYS A 112 -17.27 15.95 23.41
CA LYS A 112 -17.88 16.58 24.57
C LYS A 112 -17.18 17.88 24.90
N PRO A 113 -17.94 18.96 25.13
CA PRO A 113 -17.30 20.27 25.37
C PRO A 113 -16.39 20.30 26.59
N GLU A 114 -16.81 19.71 27.72
CA GLU A 114 -15.97 19.71 28.92
C GLU A 114 -14.64 19.01 28.67
N VAL A 115 -14.68 17.88 27.93
CA VAL A 115 -13.45 17.16 27.67
C VAL A 115 -12.53 17.99 26.78
N MET A 116 -13.11 18.76 25.84
CA MET A 116 -12.31 19.62 24.98
C MET A 116 -11.56 20.66 25.80
N ARG A 117 -12.28 21.37 26.66
CA ARG A 117 -11.65 22.44 27.44
C ARG A 117 -10.57 21.90 28.36
N ALA A 118 -10.86 20.81 29.05
CA ALA A 118 -9.90 20.26 30.00
C ALA A 118 -8.68 19.70 29.30
N ALA A 119 -8.90 18.98 28.19
CA ALA A 119 -7.78 18.42 27.43
C ALA A 119 -6.87 19.52 26.90
N VAL A 120 -7.44 20.56 26.29
CA VAL A 120 -6.63 21.65 25.75
C VAL A 120 -5.88 22.38 26.86
N ALA A 121 -6.54 22.58 28.01
CA ALA A 121 -5.84 23.20 29.12
C ALA A 121 -4.75 22.31 29.69
N ALA A 122 -4.87 20.99 29.51
CA ALA A 122 -3.87 20.03 29.99
C ALA A 122 -2.76 19.80 28.97
N GLY A 123 -2.82 20.45 27.81
CA GLY A 123 -1.77 20.38 26.82
C GLY A 123 -2.18 19.86 25.45
N ALA A 124 -3.44 19.48 25.24
CA ALA A 124 -3.84 19.05 23.90
C ALA A 124 -3.81 20.24 22.94
N GLY A 125 -3.30 20.00 21.73
CA GLY A 125 -3.17 21.04 20.74
C GLY A 125 -4.03 20.81 19.50
N MET A 126 -5.05 19.98 19.64
CA MET A 126 -5.96 19.64 18.55
C MET A 126 -7.18 18.93 19.14
N ILE A 127 -8.32 19.13 18.51
CA ILE A 127 -9.56 18.43 18.83
C ILE A 127 -10.00 17.63 17.62
N ASN A 128 -10.26 16.34 17.83
CA ASN A 128 -10.71 15.44 16.76
C ASN A 128 -12.12 15.00 17.13
N ASP A 129 -13.13 15.50 16.41
CA ASP A 129 -14.52 15.35 16.83
C ASP A 129 -15.32 14.50 15.84
N ILE A 130 -15.74 13.31 16.27
CA ILE A 130 -16.56 12.46 15.41
C ILE A 130 -17.92 13.10 15.11
N TYR A 131 -18.41 14.00 15.98
CA TYR A 131 -19.75 14.56 15.86
C TYR A 131 -19.78 15.90 15.11
N GLY A 132 -18.63 16.42 14.69
CA GLY A 132 -18.60 17.65 13.93
C GLY A 132 -19.04 18.86 14.72
N LEU A 133 -18.64 18.96 15.99
CA LEU A 133 -19.04 20.05 16.88
C LEU A 133 -20.56 20.17 17.01
N ARG A 134 -21.31 19.10 16.76
CA ARG A 134 -22.76 19.17 16.90
C ARG A 134 -23.25 18.90 18.30
N GLN A 135 -22.40 18.44 19.21
CA GLN A 135 -22.86 18.24 20.57
C GLN A 135 -23.14 19.59 21.20
N GLU A 136 -24.14 19.63 22.09
CA GLU A 136 -24.58 20.90 22.68
C GLU A 136 -23.40 21.60 23.36
N GLY A 137 -23.11 22.84 22.95
CA GLY A 137 -21.99 23.59 23.50
C GLY A 137 -20.63 23.33 22.86
N ALA A 138 -20.52 22.33 21.98
CA ALA A 138 -19.22 21.99 21.43
C ALA A 138 -18.67 23.08 20.52
N LEU A 139 -19.53 23.67 19.70
CA LEU A 139 -19.10 24.68 18.75
C LEU A 139 -18.41 25.83 19.43
N ASP A 140 -19.05 26.43 20.45
CA ASP A 140 -18.47 27.56 21.14
C ASP A 140 -17.26 27.16 21.96
N ALA A 141 -17.30 25.98 22.57
CA ALA A 141 -16.21 25.59 23.45
C ALA A 141 -14.92 25.43 22.66
N ALA A 142 -14.99 24.75 21.52
CA ALA A 142 -13.82 24.52 20.68
C ALA A 142 -13.31 25.81 20.03
N ALA A 143 -14.23 26.70 19.65
CA ALA A 143 -13.83 28.00 19.13
C ALA A 143 -12.93 28.72 20.13
N ALA A 144 -13.32 28.70 21.40
CA ALA A 144 -12.61 29.41 22.44
C ALA A 144 -11.25 28.80 22.75
N THR A 145 -11.05 27.51 22.46
CA THR A 145 -9.76 26.90 22.78
C THR A 145 -8.65 27.41 21.87
N GLY A 146 -8.97 27.72 20.61
CA GLY A 146 -7.98 28.20 19.67
C GLY A 146 -7.13 27.13 19.02
N VAL A 147 -7.45 25.86 19.19
CA VAL A 147 -6.65 24.82 18.56
C VAL A 147 -7.37 24.31 17.31
N PRO A 148 -6.64 23.76 16.34
CA PRO A 148 -7.31 23.19 15.16
C PRO A 148 -8.31 22.09 15.54
N VAL A 149 -9.37 21.99 14.74
CA VAL A 149 -10.47 21.06 15.03
C VAL A 149 -10.81 20.31 13.75
N VAL A 150 -10.95 19.00 13.86
CA VAL A 150 -11.33 18.15 12.74
C VAL A 150 -12.85 17.99 12.73
N LEU A 151 -13.48 18.43 11.65
CA LEU A 151 -14.92 18.24 11.49
C LEU A 151 -15.13 16.93 10.74
N MET A 152 -15.60 15.92 11.46
CA MET A 152 -15.89 14.64 10.84
C MET A 152 -17.36 14.58 10.44
N HIS A 153 -17.64 13.79 9.41
CA HIS A 153 -19.00 13.44 9.03
C HIS A 153 -19.33 12.07 9.60
N MET A 154 -20.47 11.98 10.28
CA MET A 154 -21.09 10.70 10.60
C MET A 154 -22.60 10.83 10.50
N GLN A 155 -23.21 9.78 9.98
CA GLN A 155 -24.65 9.58 10.07
C GLN A 155 -24.92 8.86 11.39
N GLY A 156 -25.83 9.39 12.18
CA GLY A 156 -26.10 8.85 13.51
C GLY A 156 -25.60 9.76 14.60
N GLU A 157 -25.60 9.21 15.82
CA GLU A 157 -25.18 9.95 17.00
C GLU A 157 -24.09 9.17 17.71
N PRO A 158 -23.25 9.85 18.51
CA PRO A 158 -22.25 9.14 19.31
C PRO A 158 -22.90 8.07 20.18
N GLY A 159 -22.49 6.81 20.03
CA GLY A 159 -23.05 5.74 20.83
C GLY A 159 -24.15 4.97 20.15
N HIS A 160 -24.71 5.51 19.07
CA HIS A 160 -25.80 4.86 18.33
C HIS A 160 -25.49 5.01 16.85
N MET A 161 -24.69 4.09 16.33
CA MET A 161 -24.41 4.07 14.91
C MET A 161 -25.55 3.41 14.15
N GLN A 162 -25.73 3.84 12.92
CA GLN A 162 -26.83 3.37 12.09
C GLN A 162 -26.63 1.94 11.63
N ALA A 163 -27.67 1.12 11.77
CA ALA A 163 -27.60 -0.27 11.33
C ALA A 163 -27.63 -0.37 9.81
N ASP A 164 -28.57 0.32 9.16
CA ASP A 164 -28.66 0.38 7.71
C ASP A 164 -28.44 1.79 7.20
N PRO A 165 -27.19 2.19 6.99
CA PRO A 165 -26.93 3.53 6.45
C PRO A 165 -27.40 3.64 5.02
N HIS A 166 -27.92 4.80 4.66
CA HIS A 166 -28.45 5.03 3.33
C HIS A 166 -28.09 6.44 2.86
N TYR A 167 -27.84 6.56 1.56
CA TYR A 167 -27.53 7.84 0.92
C TYR A 167 -28.07 7.81 -0.49
N ASP A 168 -28.82 8.84 -0.87
CA ASP A 168 -29.10 9.02 -2.29
C ASP A 168 -27.82 9.27 -3.05
N ASP A 169 -26.96 10.13 -2.49
CA ASP A 169 -25.69 10.48 -3.13
C ASP A 169 -24.72 10.75 -2.00
N VAL A 170 -23.87 9.76 -1.69
CA VAL A 170 -23.05 9.87 -0.47
C VAL A 170 -22.05 11.00 -0.60
N VAL A 171 -21.48 11.20 -1.79
CA VAL A 171 -20.52 12.29 -1.97
C VAL A 171 -21.22 13.64 -1.77
N ALA A 172 -22.31 13.88 -2.50
CA ALA A 172 -22.99 15.17 -2.40
C ALA A 172 -23.49 15.44 -0.98
N GLU A 173 -23.93 14.38 -0.27
CA GLU A 173 -24.48 14.56 1.07
C GLU A 173 -23.40 14.80 2.10
N VAL A 174 -22.26 14.11 1.96
CA VAL A 174 -21.12 14.38 2.84
C VAL A 174 -20.57 15.76 2.57
N HIS A 175 -20.48 16.14 1.31
CA HIS A 175 -20.08 17.51 0.95
C HIS A 175 -21.01 18.52 1.61
N GLY A 176 -22.33 18.38 1.38
CA GLY A 176 -23.27 19.37 1.90
C GLY A 176 -23.18 19.50 3.40
N PHE A 177 -23.02 18.38 4.08
CA PHE A 177 -22.88 18.39 5.53
C PHE A 177 -21.66 19.19 5.94
N LEU A 178 -20.50 18.85 5.37
CA LEU A 178 -19.27 19.52 5.76
C LEU A 178 -19.33 21.02 5.47
N VAL A 179 -19.86 21.40 4.30
CA VAL A 179 -20.04 22.82 4.01
C VAL A 179 -20.77 23.52 5.15
N GLN A 180 -21.78 22.86 5.73
CA GLN A 180 -22.60 23.50 6.76
C GLN A 180 -21.90 23.54 8.10
N ARG A 181 -21.12 22.52 8.42
CA ARG A 181 -20.32 22.54 9.65
C ARG A 181 -19.22 23.59 9.55
N LEU A 182 -18.60 23.75 8.38
CA LEU A 182 -17.60 24.81 8.21
C LEU A 182 -18.22 26.19 8.37
N PHE A 183 -19.40 26.41 7.76
CA PHE A 183 -20.05 27.70 7.94
C PHE A 183 -20.46 27.95 9.38
N ALA A 184 -21.01 26.94 10.05
CA ALA A 184 -21.37 27.13 11.45
C ALA A 184 -20.11 27.43 12.28
N ALA A 185 -19.01 26.73 12.00
CA ALA A 185 -17.76 27.06 12.66
C ALA A 185 -17.31 28.48 12.31
N GLU A 186 -17.44 28.86 11.03
CA GLU A 186 -17.14 30.22 10.63
C GLU A 186 -17.94 31.22 11.46
N MET A 187 -19.24 30.97 11.63
CA MET A 187 -20.07 31.87 12.42
C MET A 187 -19.69 31.87 13.89
N ALA A 188 -19.20 30.76 14.41
CA ALA A 188 -18.79 30.70 15.81
C ALA A 188 -17.45 31.40 16.07
N GLY A 189 -16.74 31.85 15.03
CA GLY A 189 -15.53 32.62 15.23
C GLY A 189 -14.24 31.93 14.83
N PHE A 190 -14.31 30.75 14.22
CA PHE A 190 -13.09 30.05 13.84
C PHE A 190 -12.36 30.78 12.73
N ALA A 191 -11.04 30.79 12.79
CA ALA A 191 -10.26 31.12 11.62
C ALA A 191 -10.07 29.85 10.81
N LYS A 192 -9.89 30.01 9.49
CA LYS A 192 -9.79 28.84 8.62
C LYS A 192 -8.57 27.99 8.92
N LYS A 193 -7.47 28.62 9.36
CA LYS A 193 -6.29 27.83 9.69
C LYS A 193 -6.57 26.81 10.79
N ASN A 194 -7.67 26.96 11.52
CA ASN A 194 -7.99 26.07 12.62
C ASN A 194 -9.05 25.03 12.26
N LEU A 195 -9.24 24.72 10.97
CA LEU A 195 -10.27 23.77 10.58
C LEU A 195 -9.74 22.70 9.63
N LEU A 196 -10.14 21.45 9.89
CA LEU A 196 -9.89 20.32 9.01
C LEU A 196 -11.20 19.60 8.81
N ILE A 197 -11.26 18.81 7.73
CA ILE A 197 -12.41 17.95 7.50
C ILE A 197 -11.95 16.50 7.56
N ASP A 198 -12.92 15.63 7.83
CA ASP A 198 -12.71 14.19 7.91
C ASP A 198 -13.95 13.54 7.33
N LEU A 199 -13.77 12.65 6.35
CA LEU A 199 -14.95 12.08 5.70
C LEU A 199 -15.65 11.05 6.58
N GLY A 200 -15.00 10.59 7.64
CA GLY A 200 -15.60 9.65 8.57
C GLY A 200 -15.88 8.30 7.96
N PHE A 201 -14.87 7.70 7.33
CA PHE A 201 -15.05 6.35 6.79
C PHE A 201 -15.57 5.41 7.87
N GLY A 202 -16.57 4.60 7.52
CA GLY A 202 -17.12 3.63 8.45
C GLY A 202 -18.26 4.12 9.33
N PHE A 203 -18.40 5.44 9.50
CA PHE A 203 -19.35 6.01 10.46
C PHE A 203 -20.67 6.30 9.74
N GLY A 204 -21.63 5.40 9.86
CA GLY A 204 -22.87 5.50 9.13
C GLY A 204 -22.65 5.26 7.65
N LYS A 205 -21.80 4.29 7.30
CA LYS A 205 -21.48 4.04 5.90
C LYS A 205 -21.27 2.55 5.65
N THR A 206 -21.83 2.05 4.56
CA THR A 206 -21.50 0.71 4.10
C THR A 206 -20.09 0.69 3.52
N THR A 207 -19.59 -0.52 3.25
CA THR A 207 -18.31 -0.60 2.54
C THR A 207 -18.40 0.10 1.19
N ALA A 208 -19.55 -0.03 0.51
CA ALA A 208 -19.73 0.64 -0.78
C ALA A 208 -19.66 2.15 -0.64
N HIS A 209 -20.33 2.70 0.38
CA HIS A 209 -20.25 4.13 0.64
C HIS A 209 -18.81 4.55 0.87
N ASN A 210 -18.06 3.75 1.65
CA ASN A 210 -16.67 4.09 1.95
C ASN A 210 -15.82 4.13 0.69
N MET A 211 -15.98 3.14 -0.19
CA MET A 211 -15.19 3.09 -1.40
C MET A 211 -15.55 4.23 -2.36
N THR A 212 -16.82 4.60 -2.43
CA THR A 212 -17.21 5.74 -3.24
C THR A 212 -16.58 7.03 -2.71
N LEU A 213 -16.69 7.28 -1.39
CA LEU A 213 -16.06 8.44 -0.79
C LEU A 213 -14.55 8.42 -0.98
N LEU A 214 -13.91 7.28 -0.76
CA LEU A 214 -12.45 7.22 -0.89
C LEU A 214 -12.04 7.48 -2.32
N ALA A 215 -12.75 6.89 -3.28
CA ALA A 215 -12.38 7.05 -4.67
C ALA A 215 -12.55 8.49 -5.16
N ARG A 216 -13.63 9.16 -4.75
CA ARG A 216 -13.91 10.54 -5.14
CA ARG A 216 -13.93 10.54 -5.12
C ARG A 216 -13.51 11.54 -4.06
N SER A 217 -12.63 11.16 -3.12
CA SER A 217 -12.31 12.07 -2.02
C SER A 217 -11.59 13.34 -2.47
N GLU A 218 -10.94 13.33 -3.63
CA GLU A 218 -10.31 14.55 -4.11
C GLU A 218 -11.32 15.66 -4.30
N ARG A 219 -12.59 15.33 -4.48
CA ARG A 219 -13.65 16.32 -4.62
CA ARG A 219 -13.62 16.36 -4.63
C ARG A 219 -13.65 17.31 -3.45
N PHE A 220 -13.26 16.86 -2.26
CA PHE A 220 -13.38 17.67 -1.04
C PHE A 220 -12.22 18.64 -0.85
N LEU A 221 -11.18 18.59 -1.68
CA LEU A 221 -10.13 19.59 -1.58
C LEU A 221 -10.65 20.98 -1.94
N GLU A 222 -11.78 21.05 -2.64
CA GLU A 222 -12.36 22.35 -2.98
C GLU A 222 -12.85 23.07 -1.74
N LEU A 223 -13.13 22.37 -0.65
CA LEU A 223 -13.45 23.05 0.60
C LEU A 223 -12.29 23.91 1.12
N GLY A 224 -11.06 23.66 0.67
CA GLY A 224 -9.94 24.51 1.04
C GLY A 224 -9.38 24.31 2.43
N VAL A 225 -9.63 23.16 3.07
CA VAL A 225 -9.08 22.86 4.39
C VAL A 225 -8.40 21.50 4.31
N PRO A 226 -7.43 21.23 5.18
CA PRO A 226 -6.79 19.91 5.18
C PRO A 226 -7.79 18.80 5.46
N MET A 227 -7.53 17.65 4.85
CA MET A 227 -8.39 16.50 4.93
C MET A 227 -7.66 15.38 5.68
N LEU A 228 -8.31 14.86 6.70
CA LEU A 228 -7.81 13.75 7.48
C LEU A 228 -8.57 12.49 7.09
N ALA A 229 -7.84 11.39 6.91
CA ALA A 229 -8.47 10.13 6.51
C ALA A 229 -8.10 9.06 7.50
N GLY A 230 -9.10 8.34 7.99
CA GLY A 230 -8.89 7.23 8.89
C GLY A 230 -9.67 6.00 8.48
N LEU A 231 -8.96 4.96 8.05
CA LEU A 231 -9.56 3.68 7.70
C LEU A 231 -8.86 2.53 8.42
N SER A 232 -8.09 2.82 9.46
CA SER A 232 -7.21 1.82 10.06
C SER A 232 -8.01 0.63 10.60
N ARG A 233 -7.72 -0.56 10.06
CA ARG A 233 -8.29 -1.84 10.52
C ARG A 233 -9.82 -1.83 10.55
N LYS A 234 -10.42 -1.00 9.71
CA LYS A 234 -11.86 -0.84 9.74
C LYS A 234 -12.55 -2.08 9.16
N ARG A 235 -13.79 -2.30 9.63
CA ARG A 235 -14.54 -3.51 9.25
C ARG A 235 -14.72 -3.60 7.75
N SER A 236 -14.87 -2.45 7.09
CA SER A 236 -14.99 -2.42 5.64
C SER A 236 -13.75 -3.01 4.97
N LEU A 237 -12.56 -2.78 5.54
CA LEU A 237 -11.37 -3.46 5.00
C LEU A 237 -11.47 -4.97 5.19
N GLY A 238 -12.04 -5.41 6.31
CA GLY A 238 -12.23 -6.83 6.50
C GLY A 238 -13.23 -7.41 5.52
N GLU A 239 -14.28 -6.64 5.22
CA GLU A 239 -15.27 -7.10 4.25
C GLU A 239 -14.65 -7.21 2.86
N LEU A 240 -13.79 -6.27 2.50
CA LEU A 240 -13.16 -6.31 1.18
C LEU A 240 -12.16 -7.47 1.05
N THR A 241 -11.46 -7.80 2.14
CA THR A 241 -10.39 -8.81 2.12
C THR A 241 -10.77 -10.16 2.71
N GLY A 242 -11.86 -10.25 3.47
CA GLY A 242 -12.16 -11.49 4.15
C GLY A 242 -11.49 -11.66 5.50
N ARG A 243 -10.89 -10.60 6.06
CA ARG A 243 -10.16 -10.70 7.32
C ARG A 243 -11.05 -10.34 8.51
N ASP A 244 -11.41 -11.33 9.31
CA ASP A 244 -12.21 -11.04 10.49
C ASP A 244 -11.41 -10.35 11.60
N THR A 245 -10.11 -10.68 11.74
CA THR A 245 -9.33 -10.10 12.83
C THR A 245 -8.86 -8.70 12.45
N PRO A 246 -9.12 -7.68 13.27
CA PRO A 246 -8.69 -6.32 12.87
C PRO A 246 -7.18 -6.18 12.74
N SER A 247 -6.43 -6.91 13.55
CA SER A 247 -4.97 -6.85 13.49
C SER A 247 -4.41 -7.59 12.28
N GLU A 248 -5.25 -8.37 11.59
CA GLU A 248 -4.92 -9.00 10.33
C GLU A 248 -5.13 -8.08 9.14
N ARG A 249 -5.47 -6.81 9.35
CA ARG A 249 -5.85 -5.90 8.28
C ARG A 249 -4.80 -4.80 8.02
N VAL A 250 -3.53 -5.06 8.35
CA VAL A 250 -2.50 -4.03 8.23
C VAL A 250 -2.21 -3.72 6.77
N ALA A 251 -1.96 -4.74 5.96
CA ALA A 251 -1.66 -4.51 4.54
C ALA A 251 -2.79 -3.75 3.86
N ALA A 252 -4.04 -4.05 4.18
CA ALA A 252 -5.16 -3.32 3.58
C ALA A 252 -5.27 -1.91 4.13
N SER A 253 -4.88 -1.70 5.38
CA SER A 253 -4.86 -0.36 5.94
C SER A 253 -3.80 0.48 5.25
N VAL A 254 -2.62 -0.11 5.02
CA VAL A 254 -1.55 0.59 4.32
C VAL A 254 -2.02 0.97 2.92
N ALA A 255 -2.63 0.04 2.19
CA ALA A 255 -3.13 0.35 0.86
C ALA A 255 -4.21 1.45 0.92
N ALA A 256 -5.14 1.33 1.86
CA ALA A 256 -6.20 2.32 1.91
C ALA A 256 -5.65 3.70 2.20
N HIS A 257 -4.70 3.78 3.14
CA HIS A 257 -4.17 5.10 3.51
C HIS A 257 -3.29 5.69 2.41
N LEU A 258 -2.53 4.86 1.69
CA LEU A 258 -1.79 5.37 0.55
C LEU A 258 -2.72 5.96 -0.50
N ILE A 259 -3.80 5.24 -0.81
CA ILE A 259 -4.78 5.74 -1.77
C ILE A 259 -5.41 7.03 -1.27
N ALA A 260 -5.75 7.07 0.01
CA ALA A 260 -6.33 8.29 0.59
C ALA A 260 -5.38 9.46 0.43
N VAL A 261 -4.08 9.23 0.63
CA VAL A 261 -3.11 10.31 0.49
C VAL A 261 -2.95 10.71 -0.96
N GLN A 262 -2.93 9.74 -1.88
CA GLN A 262 -2.86 10.08 -3.28
C GLN A 262 -4.04 10.95 -3.71
N ARG A 263 -5.18 10.84 -3.05
CA ARG A 263 -6.36 11.58 -3.43
C ARG A 263 -6.64 12.78 -2.53
N GLY A 264 -5.65 13.19 -1.74
CA GLY A 264 -5.63 14.50 -1.14
C GLY A 264 -5.57 14.54 0.36
N ALA A 265 -5.69 13.40 1.05
CA ALA A 265 -5.57 13.40 2.52
C ALA A 265 -4.18 13.80 2.92
N ARG A 266 -4.07 14.75 3.85
CA ARG A 266 -2.75 15.13 4.35
C ARG A 266 -2.50 14.67 5.78
N ILE A 267 -3.48 14.10 6.47
CA ILE A 267 -3.25 13.38 7.71
C ILE A 267 -3.96 12.04 7.60
N VAL A 268 -3.29 10.98 8.06
CA VAL A 268 -3.89 9.66 8.17
C VAL A 268 -3.83 9.23 9.63
N ARG A 269 -4.94 8.70 10.10
CA ARG A 269 -5.10 8.25 11.47
C ARG A 269 -5.01 6.72 11.48
N VAL A 270 -3.99 6.17 12.13
CA VAL A 270 -3.62 4.77 11.94
C VAL A 270 -3.24 4.14 13.28
N HIS A 271 -3.44 2.82 13.37
CA HIS A 271 -2.85 2.02 14.44
C HIS A 271 -1.41 1.65 14.10
N ASP A 272 -1.18 1.21 12.86
CA ASP A 272 0.10 0.66 12.43
C ASP A 272 0.94 1.79 11.85
N VAL A 273 1.62 2.50 12.74
CA VAL A 273 2.33 3.70 12.35
C VAL A 273 3.55 3.35 11.49
N ALA A 274 4.45 2.50 12.01
CA ALA A 274 5.67 2.19 11.27
C ALA A 274 5.37 1.68 9.86
N ALA A 275 4.29 0.90 9.73
CA ALA A 275 3.94 0.39 8.41
C ALA A 275 3.50 1.51 7.49
N THR A 276 2.65 2.42 7.99
CA THR A 276 2.15 3.53 7.19
C THR A 276 3.26 4.49 6.81
N VAL A 277 4.18 4.76 7.75
CA VAL A 277 5.31 5.61 7.46
C VAL A 277 6.12 5.02 6.31
N ASP A 278 6.42 3.71 6.39
CA ASP A 278 7.21 3.06 5.34
C ASP A 278 6.54 3.19 3.98
N ALA A 279 5.22 2.99 3.93
CA ALA A 279 4.51 3.18 2.66
C ALA A 279 4.60 4.63 2.16
N LEU A 280 4.43 5.61 3.07
CA LEU A 280 4.43 7.00 2.62
C LEU A 280 5.80 7.45 2.14
N LYS A 281 6.88 6.89 2.71
CA LYS A 281 8.22 7.22 2.23
C LYS A 281 8.41 6.72 0.81
N ILE A 282 7.93 5.51 0.51
CA ILE A 282 7.96 5.01 -0.86
C ILE A 282 7.17 5.93 -1.77
N TRP A 283 6.00 6.37 -1.31
CA TRP A 283 5.19 7.27 -2.13
C TRP A 283 5.96 8.55 -2.42
N GLN A 284 6.53 9.17 -1.37
CA GLN A 284 7.25 10.43 -1.54
C GLN A 284 8.44 10.27 -2.46
N ALA A 285 9.15 9.14 -2.38
CA ALA A 285 10.28 8.97 -3.29
C ALA A 285 9.82 8.85 -4.73
N VAL A 286 8.72 8.12 -4.98
CA VAL A 286 8.20 8.02 -6.33
C VAL A 286 7.74 9.39 -6.84
N GLU A 287 7.05 10.16 -5.98
CA GLU A 287 6.53 11.43 -6.43
CA GLU A 287 6.50 11.47 -6.33
C GLU A 287 7.59 12.49 -6.65
N ALA A 288 8.78 12.32 -6.07
CA ALA A 288 9.86 13.28 -6.24
C ALA A 288 10.52 13.20 -7.61
N VAL A 289 10.25 12.15 -8.37
CA VAL A 289 10.83 12.01 -9.71
C VAL A 289 10.13 12.97 -10.67
N PRO A 290 10.86 13.74 -11.48
CA PRO A 290 10.21 14.72 -12.35
C PRO A 290 9.55 14.08 -13.57
N THR A 291 8.28 14.43 -13.77
CA THR A 291 7.53 14.06 -14.99
C THR A 291 7.91 15.01 -16.13
N SER B 13 -8.60 -5.95 -23.15
CA SER B 13 -7.66 -6.46 -22.15
C SER B 13 -7.13 -7.86 -22.50
N PRO B 14 -5.81 -7.99 -22.55
CA PRO B 14 -5.19 -9.26 -22.98
C PRO B 14 -5.26 -10.33 -21.91
N GLN B 15 -4.71 -11.48 -22.27
CA GLN B 15 -4.61 -12.65 -21.40
C GLN B 15 -3.44 -13.47 -21.87
N LEU B 16 -2.89 -14.27 -20.97
CA LEU B 16 -1.82 -15.18 -21.32
C LEU B 16 -2.38 -16.58 -21.49
N ASP B 17 -2.00 -17.25 -22.57
CA ASP B 17 -2.23 -18.69 -22.70
C ASP B 17 -0.96 -19.37 -22.21
N CYS B 18 -0.97 -19.78 -20.94
CA CYS B 18 0.19 -20.40 -20.32
C CYS B 18 0.13 -21.91 -20.51
N ALA B 19 0.42 -22.31 -21.74
CA ALA B 19 0.36 -23.72 -22.12
C ALA B 19 -0.97 -24.32 -21.66
N GLY B 20 -2.05 -23.59 -21.96
CA GLY B 20 -3.39 -24.06 -21.69
C GLY B 20 -4.04 -23.48 -20.45
N ARG B 21 -3.26 -22.95 -19.50
CA ARG B 21 -3.80 -22.34 -18.29
C ARG B 21 -3.93 -20.85 -18.55
N ILE B 22 -5.17 -20.39 -18.76
CA ILE B 22 -5.44 -19.01 -19.12
C ILE B 22 -5.29 -18.11 -17.89
N LEU B 23 -4.65 -16.96 -18.08
CA LEU B 23 -4.51 -15.94 -17.03
C LEU B 23 -4.98 -14.61 -17.61
N ARG B 24 -6.14 -14.12 -17.18
CA ARG B 24 -6.65 -12.87 -17.71
C ARG B 24 -5.89 -11.68 -17.11
N LEU B 25 -5.65 -10.66 -17.92
CA LEU B 25 -4.89 -9.51 -17.47
C LEU B 25 -5.77 -8.26 -17.47
N ASP B 26 -7.04 -8.44 -17.11
CA ASP B 26 -7.95 -7.32 -16.93
C ASP B 26 -7.69 -6.57 -15.63
N ARG B 27 -7.09 -7.23 -14.66
CA ARG B 27 -6.71 -6.66 -13.37
C ARG B 27 -5.32 -7.19 -13.04
N ALA B 28 -4.65 -6.56 -12.08
CA ALA B 28 -3.30 -6.98 -11.73
C ALA B 28 -3.29 -8.39 -11.13
N ARG B 29 -2.32 -9.20 -11.56
CA ARG B 29 -2.22 -10.57 -11.08
C ARG B 29 -0.99 -10.76 -10.20
N VAL B 30 -1.09 -11.68 -9.24
CA VAL B 30 -0.06 -11.89 -8.24
C VAL B 30 0.69 -13.19 -8.54
N MET B 31 2.01 -13.07 -8.74
CA MET B 31 2.90 -14.21 -8.96
C MET B 31 3.63 -14.46 -7.64
N GLY B 32 3.44 -15.64 -7.07
CA GLY B 32 4.13 -15.99 -5.84
C GLY B 32 5.53 -16.53 -6.15
N ILE B 33 6.47 -16.21 -5.26
CA ILE B 33 7.85 -16.64 -5.43
C ILE B 33 8.08 -17.95 -4.70
N VAL B 34 8.52 -18.98 -5.43
CA VAL B 34 8.82 -20.31 -4.88
C VAL B 34 10.27 -20.62 -5.24
N ASN B 35 11.18 -20.33 -4.33
CA ASN B 35 12.60 -20.61 -4.52
C ASN B 35 12.93 -21.98 -3.94
N VAL B 36 13.53 -22.84 -4.76
CA VAL B 36 13.86 -24.21 -4.35
C VAL B 36 15.35 -24.22 -4.04
N THR B 37 15.71 -24.03 -2.76
CA THR B 37 17.13 -24.06 -2.38
C THR B 37 17.33 -24.84 -1.08
N PRO B 38 18.32 -25.74 -1.01
CA PRO B 38 18.73 -26.42 0.22
C PRO B 38 19.47 -25.48 1.17
N ASP B 48 11.77 -33.96 0.65
CA ASP B 48 12.83 -33.15 1.26
C ASP B 48 12.59 -31.69 0.89
N THR B 49 13.53 -31.11 0.14
CA THR B 49 13.33 -29.74 -0.31
C THR B 49 12.23 -29.65 -1.35
N THR B 50 11.95 -30.77 -2.04
CA THR B 50 10.88 -30.78 -3.02
C THR B 50 9.52 -30.67 -2.34
N GLU B 51 9.27 -31.50 -1.32
CA GLU B 51 7.99 -31.44 -0.63
C GLU B 51 7.77 -30.09 0.05
N ALA B 52 8.84 -29.51 0.62
CA ALA B 52 8.71 -28.19 1.24
C ALA B 52 8.36 -27.13 0.23
N ALA B 53 9.00 -27.15 -0.94
CA ALA B 53 8.70 -26.16 -1.97
C ALA B 53 7.28 -26.33 -2.51
N VAL B 54 6.87 -27.57 -2.76
CA VAL B 54 5.52 -27.82 -3.26
C VAL B 54 4.48 -27.32 -2.26
N ALA B 55 4.67 -27.66 -0.98
CA ALA B 55 3.79 -27.14 0.07
C ALA B 55 3.78 -25.62 0.05
N HIS B 56 4.95 -25.00 -0.13
CA HIS B 56 5.02 -23.55 -0.12
C HIS B 56 4.23 -22.94 -1.27
N GLY B 57 4.30 -23.53 -2.47
CA GLY B 57 3.52 -23.02 -3.57
C GLY B 57 2.03 -23.10 -3.34
N LEU B 58 1.55 -24.29 -2.92
CA LEU B 58 0.14 -24.48 -2.62
C LEU B 58 -0.35 -23.52 -1.56
N LYS B 59 0.47 -23.24 -0.55
CA LYS B 59 0.06 -22.27 0.46
C LYS B 59 -0.02 -20.86 -0.11
N LEU B 60 0.86 -20.51 -1.05
CA LEU B 60 0.73 -19.21 -1.72
C LEU B 60 -0.51 -19.14 -2.59
N VAL B 61 -0.89 -20.26 -3.22
CA VAL B 61 -2.11 -20.30 -4.02
C VAL B 61 -3.32 -20.05 -3.14
N GLU B 62 -3.35 -20.69 -1.97
CA GLU B 62 -4.48 -20.47 -1.07
C GLU B 62 -4.49 -19.04 -0.54
N GLU B 63 -3.32 -18.38 -0.47
CA GLU B 63 -3.30 -16.97 -0.08
C GLU B 63 -3.75 -16.04 -1.20
N GLY B 64 -3.92 -16.54 -2.42
CA GLY B 64 -4.43 -15.75 -3.52
C GLY B 64 -3.54 -15.73 -4.73
N ALA B 65 -2.40 -16.42 -4.73
CA ALA B 65 -1.49 -16.35 -5.87
C ALA B 65 -2.21 -16.81 -7.14
N ASP B 66 -2.10 -16.00 -8.20
CA ASP B 66 -2.65 -16.38 -9.49
C ASP B 66 -1.68 -17.22 -10.30
N LEU B 67 -0.41 -17.23 -9.94
CA LEU B 67 0.60 -18.01 -10.61
C LEU B 67 1.81 -18.10 -9.70
N LEU B 68 2.65 -19.10 -9.97
CA LEU B 68 3.82 -19.42 -9.17
C LEU B 68 5.05 -19.37 -10.06
N ASP B 69 6.16 -18.93 -9.47
CA ASP B 69 7.43 -18.78 -10.16
C ASP B 69 8.44 -19.70 -9.47
N ILE B 70 8.92 -20.72 -10.18
CA ILE B 70 9.79 -21.75 -9.60
C ILE B 70 11.22 -21.50 -10.06
N GLY B 71 12.14 -21.33 -9.11
CA GLY B 71 13.52 -21.06 -9.44
C GLY B 71 14.47 -21.87 -8.59
N GLY B 72 15.60 -22.23 -9.19
CA GLY B 72 16.55 -23.09 -8.51
C GLY B 72 17.89 -22.47 -8.19
N GLU B 73 18.14 -21.25 -8.66
CA GLU B 73 19.34 -20.53 -8.28
C GLU B 73 19.22 -19.99 -6.86
N SER B 74 20.36 -19.79 -6.21
CA SER B 74 20.36 -19.35 -4.82
C SER B 74 20.14 -17.83 -4.69
N ALA B 80 28.02 -18.88 -5.51
CA ALA B 80 28.25 -19.97 -6.45
C ALA B 80 27.01 -20.24 -7.30
N PRO B 81 27.10 -19.99 -8.60
CA PRO B 81 25.98 -20.27 -9.50
C PRO B 81 25.73 -21.77 -9.59
N VAL B 82 24.50 -22.13 -9.85
CA VAL B 82 24.08 -23.52 -9.80
C VAL B 82 24.27 -24.18 -11.15
N SER B 83 24.81 -25.40 -11.13
CA SER B 83 24.98 -26.19 -12.34
C SER B 83 23.64 -26.61 -12.92
N VAL B 84 23.62 -26.83 -14.24
CA VAL B 84 22.37 -27.17 -14.92
C VAL B 84 21.78 -28.45 -14.33
N GLU B 85 22.63 -29.45 -14.08
CA GLU B 85 22.15 -30.71 -13.53
C GLU B 85 21.49 -30.49 -12.17
N GLU B 86 22.10 -29.64 -11.32
CA GLU B 86 21.53 -29.39 -10.00
C GLU B 86 20.26 -28.56 -10.12
N GLU B 87 20.26 -27.55 -10.99
CA GLU B 87 19.06 -26.76 -11.23
C GLU B 87 17.92 -27.65 -11.69
N LEU B 88 18.21 -28.58 -12.61
CA LEU B 88 17.16 -29.48 -13.08
C LEU B 88 16.69 -30.39 -11.94
N ARG B 89 17.64 -30.91 -11.16
CA ARG B 89 17.25 -31.75 -10.04
C ARG B 89 16.41 -30.98 -9.04
N ARG B 90 16.63 -29.66 -8.92
CA ARG B 90 15.87 -28.93 -7.92
C ARG B 90 14.46 -28.59 -8.38
N VAL B 91 14.29 -28.16 -9.63
CA VAL B 91 13.03 -27.53 -10.02
C VAL B 91 12.06 -28.47 -10.72
N ILE B 92 12.57 -29.47 -11.44
CA ILE B 92 11.68 -30.34 -12.22
C ILE B 92 10.68 -31.08 -11.33
N PRO B 93 11.07 -31.75 -10.24
CA PRO B 93 10.06 -32.39 -9.38
C PRO B 93 9.04 -31.42 -8.81
N VAL B 94 9.47 -30.21 -8.47
CA VAL B 94 8.55 -29.24 -7.90
C VAL B 94 7.57 -28.76 -8.96
N ILE B 95 8.01 -28.67 -10.21
CA ILE B 95 7.10 -28.26 -11.27
C ILE B 95 6.11 -29.37 -11.58
N GLU B 96 6.60 -30.60 -11.74
CA GLU B 96 5.73 -31.74 -12.00
C GLU B 96 4.61 -31.81 -10.96
N GLN B 97 4.97 -31.71 -9.68
CA GLN B 97 3.99 -31.90 -8.62
C GLN B 97 3.03 -30.73 -8.54
N LEU B 98 3.55 -29.49 -8.58
CA LEU B 98 2.65 -28.34 -8.52
C LEU B 98 1.68 -28.34 -9.68
N ALA B 99 2.16 -28.71 -10.87
CA ALA B 99 1.28 -28.76 -12.04
C ALA B 99 0.12 -29.70 -11.81
N ALA B 100 0.37 -30.82 -11.12
CA ALA B 100 -0.70 -31.78 -10.90
C ALA B 100 -1.59 -31.42 -9.71
N ARG B 101 -1.13 -30.53 -8.84
CA ARG B 101 -1.83 -30.26 -7.59
C ARG B 101 -2.35 -28.84 -7.46
N THR B 102 -2.15 -28.00 -8.47
CA THR B 102 -2.81 -26.70 -8.54
C THR B 102 -3.18 -26.47 -10.00
N ARG B 103 -4.10 -25.55 -10.24
CA ARG B 103 -4.51 -25.19 -11.59
C ARG B 103 -3.90 -23.89 -12.10
N VAL B 104 -3.12 -23.17 -11.28
CA VAL B 104 -2.62 -21.86 -11.71
C VAL B 104 -1.42 -22.08 -12.63
N PRO B 105 -1.11 -21.13 -13.53
CA PRO B 105 0.09 -21.29 -14.36
C PRO B 105 1.33 -21.42 -13.49
N ILE B 106 2.23 -22.30 -13.91
CA ILE B 106 3.50 -22.53 -13.23
C ILE B 106 4.62 -21.99 -14.11
N SER B 107 5.33 -20.99 -13.61
CA SER B 107 6.44 -20.37 -14.34
C SER B 107 7.76 -20.96 -13.88
N ILE B 108 8.71 -21.09 -14.80
CA ILE B 108 10.06 -21.52 -14.48
C ILE B 108 10.96 -20.30 -14.48
N ASP B 109 11.64 -20.08 -13.35
CA ASP B 109 12.55 -18.96 -13.17
C ASP B 109 13.97 -19.45 -13.47
N THR B 110 14.39 -19.28 -14.72
CA THR B 110 15.69 -19.75 -15.19
C THR B 110 16.12 -18.85 -16.35
N PHE B 111 17.44 -18.85 -16.61
CA PHE B 111 17.95 -18.20 -17.80
C PHE B 111 18.56 -19.19 -18.78
N LYS B 112 18.52 -20.52 -18.46
CA LYS B 112 19.27 -21.56 -19.18
C LYS B 112 18.35 -22.34 -20.11
N PRO B 113 18.74 -22.51 -21.37
CA PRO B 113 17.83 -23.17 -22.33
C PRO B 113 17.42 -24.58 -21.94
N GLU B 114 18.35 -25.41 -21.46
CA GLU B 114 18.00 -26.77 -21.07
C GLU B 114 16.93 -26.80 -19.98
N VAL B 115 17.03 -25.91 -19.00
CA VAL B 115 16.01 -25.85 -17.95
C VAL B 115 14.69 -25.34 -18.50
N MET B 116 14.73 -24.42 -19.47
CA MET B 116 13.49 -23.97 -20.10
C MET B 116 12.79 -25.13 -20.80
N ARG B 117 13.52 -25.88 -21.62
CA ARG B 117 12.91 -26.97 -22.37
C ARG B 117 12.36 -28.03 -21.44
N ALA B 118 13.15 -28.41 -20.44
CA ALA B 118 12.74 -29.47 -19.53
C ALA B 118 11.59 -29.01 -18.63
N ALA B 119 11.64 -27.79 -18.12
CA ALA B 119 10.55 -27.31 -17.26
C ALA B 119 9.24 -27.34 -18.02
N VAL B 120 9.22 -26.81 -19.25
CA VAL B 120 8.02 -26.82 -20.05
C VAL B 120 7.54 -28.25 -20.29
N ALA B 121 8.47 -29.19 -20.49
CA ALA B 121 8.07 -30.58 -20.66
C ALA B 121 7.49 -31.18 -19.38
N ALA B 122 7.90 -30.68 -18.22
CA ALA B 122 7.37 -31.15 -16.95
C ALA B 122 6.11 -30.40 -16.52
N GLY B 123 5.64 -29.45 -17.32
CA GLY B 123 4.38 -28.79 -17.05
C GLY B 123 4.43 -27.29 -16.91
N ALA B 124 5.58 -26.64 -17.02
CA ALA B 124 5.64 -25.19 -16.90
C ALA B 124 4.97 -24.53 -18.09
N GLY B 125 4.24 -23.44 -17.82
CA GLY B 125 3.55 -22.69 -18.86
C GLY B 125 4.05 -21.26 -19.01
N MET B 126 5.23 -20.98 -18.47
CA MET B 126 5.76 -19.63 -18.57
C MET B 126 7.23 -19.66 -18.21
N ILE B 127 8.02 -18.82 -18.89
CA ILE B 127 9.45 -18.69 -18.64
C ILE B 127 9.71 -17.28 -18.15
N ASN B 128 10.40 -17.17 -17.01
CA ASN B 128 10.74 -15.90 -16.39
C ASN B 128 12.28 -15.80 -16.40
N ASP B 129 12.83 -14.99 -17.30
CA ASP B 129 14.26 -15.01 -17.57
C ASP B 129 14.90 -13.67 -17.21
N ILE B 130 15.72 -13.67 -16.16
CA ILE B 130 16.45 -12.46 -15.76
C ILE B 130 17.43 -11.98 -16.82
N TYR B 131 17.88 -12.86 -17.71
CA TYR B 131 18.90 -12.51 -18.69
C TYR B 131 18.29 -12.02 -20.01
N GLY B 132 16.96 -12.04 -20.14
CA GLY B 132 16.31 -11.55 -21.35
C GLY B 132 16.57 -12.40 -22.57
N LEU B 133 16.58 -13.73 -22.42
CA LEU B 133 16.87 -14.68 -23.50
C LEU B 133 18.23 -14.44 -24.13
N ARG B 134 19.16 -13.77 -23.42
CA ARG B 134 20.48 -13.52 -23.96
C ARG B 134 21.45 -14.67 -23.78
N GLN B 135 21.09 -15.69 -23.00
CA GLN B 135 21.96 -16.85 -22.91
C GLN B 135 21.97 -17.61 -24.23
N GLU B 136 23.12 -18.23 -24.54
CA GLU B 136 23.29 -18.92 -25.81
C GLU B 136 22.25 -20.02 -25.97
N GLY B 137 21.48 -19.95 -27.05
CA GLY B 137 20.42 -20.91 -27.30
C GLY B 137 19.10 -20.60 -26.65
N ALA B 138 19.06 -19.63 -25.71
CA ALA B 138 17.83 -19.35 -24.99
C ALA B 138 16.76 -18.79 -25.93
N LEU B 139 17.17 -17.90 -26.83
CA LEU B 139 16.22 -17.28 -27.75
C LEU B 139 15.45 -18.33 -28.54
N ASP B 140 16.17 -19.24 -29.19
CA ASP B 140 15.53 -20.25 -30.04
C ASP B 140 14.77 -21.29 -29.20
N ALA B 141 15.32 -21.65 -28.03
CA ALA B 141 14.68 -22.67 -27.21
C ALA B 141 13.35 -22.15 -26.67
N ALA B 142 13.34 -20.91 -26.17
CA ALA B 142 12.11 -20.36 -25.61
C ALA B 142 11.07 -20.18 -26.71
N ALA B 143 11.50 -19.76 -27.90
CA ALA B 143 10.57 -19.65 -29.03
C ALA B 143 9.88 -20.97 -29.31
N ALA B 144 10.66 -22.05 -29.31
CA ALA B 144 10.11 -23.35 -29.68
C ALA B 144 9.15 -23.92 -28.64
N THR B 145 9.22 -23.48 -27.38
CA THR B 145 8.31 -24.04 -26.37
C THR B 145 6.88 -23.57 -26.56
N GLY B 146 6.69 -22.34 -27.07
CA GLY B 146 5.37 -21.81 -27.32
C GLY B 146 4.67 -21.21 -26.13
N VAL B 147 5.35 -21.03 -25.00
CA VAL B 147 4.77 -20.46 -23.79
C VAL B 147 5.15 -18.98 -23.67
N PRO B 148 4.40 -18.18 -22.92
CA PRO B 148 4.79 -16.78 -22.71
C PRO B 148 6.14 -16.65 -21.99
N VAL B 149 6.89 -15.59 -22.34
CA VAL B 149 8.24 -15.37 -21.81
C VAL B 149 8.35 -13.93 -21.31
N VAL B 150 8.84 -13.77 -20.08
CA VAL B 150 9.06 -12.46 -19.50
C VAL B 150 10.50 -12.04 -19.80
N LEU B 151 10.66 -10.93 -20.51
CA LEU B 151 11.99 -10.37 -20.83
C LEU B 151 12.37 -9.37 -19.75
N MET B 152 13.34 -9.73 -18.91
CA MET B 152 13.80 -8.81 -17.89
C MET B 152 14.98 -8.01 -18.38
N HIS B 153 15.13 -6.81 -17.84
CA HIS B 153 16.34 -6.02 -18.04
C HIS B 153 17.25 -6.14 -16.84
N MET B 154 18.52 -6.46 -17.07
CA MET B 154 19.53 -6.30 -16.04
C MET B 154 20.81 -5.82 -16.71
N GLN B 155 21.52 -4.94 -16.03
CA GLN B 155 22.87 -4.58 -16.45
C GLN B 155 23.83 -5.58 -15.83
N GLY B 156 24.62 -6.23 -16.66
CA GLY B 156 25.49 -7.28 -16.21
C GLY B 156 25.00 -8.63 -16.70
N GLU B 157 25.57 -9.66 -16.10
CA GLU B 157 25.29 -11.05 -16.43
C GLU B 157 24.84 -11.77 -15.16
N PRO B 158 24.11 -12.89 -15.30
CA PRO B 158 23.72 -13.65 -14.09
C PRO B 158 24.90 -13.99 -13.21
N GLY B 159 24.85 -13.49 -11.97
CA GLY B 159 25.89 -13.68 -11.00
C GLY B 159 26.87 -12.53 -10.88
N HIS B 160 26.94 -11.66 -11.89
CA HIS B 160 27.87 -10.54 -11.87
C HIS B 160 27.08 -9.29 -12.29
N MET B 161 26.37 -8.70 -11.33
CA MET B 161 25.68 -7.44 -11.57
C MET B 161 26.66 -6.29 -11.35
N GLN B 162 26.41 -5.16 -12.03
CA GLN B 162 27.34 -4.05 -11.97
C GLN B 162 27.37 -3.51 -10.54
N ALA B 163 28.59 -3.37 -10.01
CA ALA B 163 28.75 -2.92 -8.63
C ALA B 163 28.38 -1.46 -8.50
N ASP B 164 28.86 -0.63 -9.44
CA ASP B 164 28.53 0.78 -9.53
C ASP B 164 27.72 0.94 -10.80
N PRO B 165 26.40 0.75 -10.74
CA PRO B 165 25.61 0.93 -11.95
C PRO B 165 25.59 2.38 -12.35
N HIS B 166 25.52 2.60 -13.66
CA HIS B 166 25.52 3.96 -14.17
C HIS B 166 24.57 4.06 -15.36
N TYR B 167 23.89 5.20 -15.48
CA TYR B 167 23.01 5.43 -16.62
C TYR B 167 22.99 6.91 -16.97
N ASP B 168 23.16 7.22 -18.27
CA ASP B 168 22.83 8.56 -18.74
C ASP B 168 21.34 8.85 -18.60
N ASP B 169 20.50 7.93 -19.08
CA ASP B 169 19.04 8.05 -18.95
C ASP B 169 18.55 6.63 -18.73
N VAL B 170 18.25 6.29 -17.47
CA VAL B 170 17.93 4.90 -17.17
C VAL B 170 16.68 4.47 -17.91
N VAL B 171 15.70 5.37 -18.03
CA VAL B 171 14.47 5.00 -18.75
C VAL B 171 14.79 4.70 -20.21
N ALA B 172 15.50 5.63 -20.88
CA ALA B 172 15.78 5.45 -22.31
C ALA B 172 16.59 4.17 -22.57
N GLU B 173 17.55 3.85 -21.70
CA GLU B 173 18.39 2.68 -21.92
C GLU B 173 17.63 1.40 -21.63
N VAL B 174 16.84 1.37 -20.57
CA VAL B 174 16.03 0.18 -20.30
C VAL B 174 15.04 -0.01 -21.43
N HIS B 175 14.43 1.08 -21.89
CA HIS B 175 13.53 1.01 -23.04
C HIS B 175 14.25 0.47 -24.26
N GLY B 176 15.40 1.06 -24.61
CA GLY B 176 16.12 0.61 -25.79
C GLY B 176 16.48 -0.87 -25.71
N PHE B 177 16.89 -1.32 -24.53
CA PHE B 177 17.19 -2.74 -24.35
C PHE B 177 15.96 -3.60 -24.65
N LEU B 178 14.82 -3.26 -24.04
CA LEU B 178 13.60 -4.04 -24.21
C LEU B 178 13.14 -4.05 -25.67
N VAL B 179 13.20 -2.89 -26.33
CA VAL B 179 12.90 -2.80 -27.76
C VAL B 179 13.69 -3.85 -28.54
N GLN B 180 14.98 -4.01 -28.21
CA GLN B 180 15.80 -4.90 -29.02
C GLN B 180 15.63 -6.37 -28.64
N ARG B 181 15.39 -6.67 -27.36
CA ARG B 181 15.07 -8.05 -27.02
C ARG B 181 13.73 -8.46 -27.62
N LEU B 182 12.75 -7.57 -27.60
CA LEU B 182 11.46 -7.86 -28.23
C LEU B 182 11.62 -8.08 -29.72
N PHE B 183 12.44 -7.27 -30.37
CA PHE B 183 12.75 -7.46 -31.78
C PHE B 183 13.41 -8.81 -32.02
N ALA B 184 14.40 -9.15 -31.19
CA ALA B 184 15.08 -10.44 -31.36
C ALA B 184 14.10 -11.58 -31.18
N ALA B 185 13.22 -11.46 -30.20
CA ALA B 185 12.20 -12.48 -29.98
C ALA B 185 11.29 -12.63 -31.20
N GLU B 186 10.81 -11.52 -31.74
CA GLU B 186 10.00 -11.59 -32.94
C GLU B 186 10.75 -12.23 -34.09
N MET B 187 12.01 -11.83 -34.30
CA MET B 187 12.76 -12.41 -35.40
C MET B 187 13.04 -13.89 -35.17
N ALA B 188 13.19 -14.31 -33.91
CA ALA B 188 13.42 -15.71 -33.60
C ALA B 188 12.17 -16.57 -33.70
N GLY B 189 11.01 -15.98 -33.98
CA GLY B 189 9.79 -16.74 -34.23
C GLY B 189 8.70 -16.61 -33.19
N PHE B 190 8.86 -15.74 -32.20
CA PHE B 190 7.84 -15.54 -31.18
C PHE B 190 6.58 -14.90 -31.76
N ALA B 191 5.44 -15.23 -31.18
CA ALA B 191 4.22 -14.46 -31.36
C ALA B 191 4.12 -13.39 -30.29
N LYS B 192 3.47 -12.28 -30.61
CA LYS B 192 3.42 -11.17 -29.66
C LYS B 192 2.70 -11.53 -28.38
N LYS B 193 1.65 -12.37 -28.47
CA LYS B 193 0.92 -12.76 -27.27
C LYS B 193 1.79 -13.49 -26.27
N ASN B 194 2.95 -14.00 -26.69
CA ASN B 194 3.82 -14.77 -25.82
C ASN B 194 4.97 -13.96 -25.25
N LEU B 195 4.83 -12.65 -25.16
CA LEU B 195 5.91 -11.82 -24.66
C LEU B 195 5.43 -10.91 -23.55
N LEU B 196 6.24 -10.80 -22.50
CA LEU B 196 6.09 -9.83 -21.44
C LEU B 196 7.42 -9.12 -21.20
N ILE B 197 7.36 -7.94 -20.59
CA ILE B 197 8.57 -7.23 -20.18
C ILE B 197 8.60 -7.10 -18.66
N ASP B 198 9.80 -6.93 -18.12
CA ASP B 198 10.06 -6.69 -16.70
C ASP B 198 11.20 -5.69 -16.63
N LEU B 199 10.98 -4.59 -15.93
CA LEU B 199 12.00 -3.53 -15.89
C LEU B 199 13.18 -3.93 -15.04
N GLY B 200 13.03 -4.98 -14.24
CA GLY B 200 14.14 -5.52 -13.48
C GLY B 200 14.63 -4.61 -12.38
N PHE B 201 13.71 -4.16 -11.52
CA PHE B 201 14.09 -3.38 -10.35
C PHE B 201 15.13 -4.14 -9.54
N GLY B 202 16.16 -3.43 -9.09
CA GLY B 202 17.18 -4.01 -8.23
C GLY B 202 18.37 -4.62 -8.94
N PHE B 203 18.28 -4.94 -10.23
CA PHE B 203 19.35 -5.69 -10.90
C PHE B 203 20.31 -4.72 -11.59
N GLY B 204 21.39 -4.38 -10.90
CA GLY B 204 22.27 -3.39 -11.49
C GLY B 204 21.66 -2.00 -11.54
N LYS B 205 21.01 -1.56 -10.45
CA LYS B 205 20.35 -0.27 -10.38
C LYS B 205 20.47 0.30 -8.96
N THR B 206 20.82 1.58 -8.85
CA THR B 206 20.75 2.26 -7.57
C THR B 206 19.29 2.52 -7.16
N THR B 207 19.14 2.99 -5.92
CA THR B 207 17.84 3.42 -5.42
C THR B 207 17.25 4.51 -6.30
N ALA B 208 18.09 5.41 -6.80
CA ALA B 208 17.61 6.44 -7.70
C ALA B 208 17.11 5.83 -9.01
N HIS B 209 17.90 4.93 -9.59
CA HIS B 209 17.46 4.28 -10.82
C HIS B 209 16.12 3.59 -10.62
N ASN B 210 15.97 2.88 -9.50
CA ASN B 210 14.76 2.12 -9.25
C ASN B 210 13.53 3.02 -9.13
N MET B 211 13.62 4.07 -8.30
CA MET B 211 12.47 4.93 -8.11
C MET B 211 12.12 5.70 -9.36
N THR B 212 13.14 6.09 -10.14
CA THR B 212 12.92 6.77 -11.41
C THR B 212 12.19 5.87 -12.41
N LEU B 213 12.68 4.63 -12.58
CA LEU B 213 11.98 3.66 -13.42
C LEU B 213 10.55 3.42 -12.94
N LEU B 214 10.36 3.27 -11.62
CA LEU B 214 9.01 3.00 -11.13
C LEU B 214 8.08 4.19 -11.40
N ALA B 215 8.57 5.42 -11.23
CA ALA B 215 7.71 6.60 -11.43
C ALA B 215 7.33 6.78 -12.90
N ARG B 216 8.27 6.55 -13.81
CA ARG B 216 8.02 6.69 -15.24
CA ARG B 216 8.05 6.68 -15.24
C ARG B 216 7.72 5.35 -15.91
N SER B 217 7.42 4.30 -15.13
CA SER B 217 7.17 2.96 -15.68
C SER B 217 5.99 2.90 -16.64
N GLU B 218 5.03 3.83 -16.54
CA GLU B 218 3.92 3.78 -17.48
C GLU B 218 4.40 3.95 -18.93
N ARG B 219 5.53 4.61 -19.16
CA ARG B 219 5.99 4.83 -20.53
C ARG B 219 6.29 3.51 -21.24
N PHE B 220 6.67 2.47 -20.51
CA PHE B 220 6.98 1.21 -21.18
C PHE B 220 5.73 0.50 -21.71
N LEU B 221 4.53 0.95 -21.38
CA LEU B 221 3.34 0.29 -21.91
C LEU B 221 3.22 0.48 -23.43
N GLU B 222 3.93 1.43 -24.00
CA GLU B 222 3.86 1.68 -25.44
C GLU B 222 4.42 0.50 -26.24
N LEU B 223 5.32 -0.29 -25.64
CA LEU B 223 5.81 -1.50 -26.29
C LEU B 223 4.70 -2.52 -26.57
N GLY B 224 3.55 -2.41 -25.91
CA GLY B 224 2.41 -3.24 -26.25
C GLY B 224 2.43 -4.66 -25.74
N VAL B 225 3.23 -4.94 -24.72
CA VAL B 225 3.21 -6.25 -24.09
C VAL B 225 2.93 -6.03 -22.61
N PRO B 226 2.35 -6.99 -21.91
CA PRO B 226 2.12 -6.82 -20.48
C PRO B 226 3.42 -6.63 -19.72
N MET B 227 3.34 -5.89 -18.62
CA MET B 227 4.52 -5.54 -17.83
C MET B 227 4.47 -6.26 -16.49
N LEU B 228 5.56 -6.93 -16.13
CA LEU B 228 5.65 -7.56 -14.83
C LEU B 228 6.58 -6.74 -13.96
N ALA B 229 6.22 -6.57 -12.69
CA ALA B 229 7.02 -5.76 -11.77
C ALA B 229 7.36 -6.56 -10.53
N GLY B 230 8.64 -6.56 -10.17
CA GLY B 230 9.04 -7.20 -8.93
C GLY B 230 9.87 -6.30 -8.05
N LEU B 231 9.30 -5.87 -6.93
CA LEU B 231 10.03 -5.05 -5.98
C LEU B 231 10.01 -5.64 -4.58
N SER B 232 9.69 -6.93 -4.47
CA SER B 232 9.45 -7.53 -3.18
C SER B 232 10.69 -7.45 -2.28
N ARG B 233 10.57 -6.74 -1.16
CA ARG B 233 11.62 -6.66 -0.15
C ARG B 233 12.96 -6.24 -0.72
N LYS B 234 12.94 -5.45 -1.79
CA LYS B 234 14.15 -5.09 -2.50
C LYS B 234 14.99 -4.12 -1.66
N ARG B 235 16.31 -4.13 -1.90
CA ARG B 235 17.24 -3.32 -1.10
C ARG B 235 16.91 -1.83 -1.17
N SER B 236 16.50 -1.34 -2.33
CA SER B 236 16.13 0.07 -2.44
C SER B 236 14.98 0.45 -1.50
N LEU B 237 14.01 -0.44 -1.31
CA LEU B 237 12.93 -0.15 -0.37
C LEU B 237 13.47 0.00 1.04
N GLY B 238 14.44 -0.83 1.41
CA GLY B 238 15.07 -0.72 2.70
C GLY B 238 15.94 0.51 2.86
N GLU B 239 16.61 0.94 1.79
CA GLU B 239 17.42 2.14 1.89
C GLU B 239 16.55 3.34 2.17
N LEU B 240 15.41 3.42 1.48
CA LEU B 240 14.49 4.56 1.63
C LEU B 240 13.83 4.58 3.00
N THR B 241 13.56 3.42 3.57
CA THR B 241 12.85 3.33 4.84
C THR B 241 13.77 3.08 6.02
N GLY B 242 15.03 2.76 5.78
CA GLY B 242 15.92 2.44 6.87
C GLY B 242 15.80 1.03 7.40
N ARG B 243 15.10 0.13 6.70
CA ARG B 243 14.94 -1.26 7.16
C ARG B 243 16.06 -2.09 6.55
N ASP B 244 17.06 -2.42 7.36
CA ASP B 244 18.16 -3.24 6.85
C ASP B 244 17.73 -4.69 6.64
N THR B 245 16.79 -5.19 7.46
CA THR B 245 16.35 -6.58 7.33
C THR B 245 15.35 -6.69 6.18
N PRO B 246 15.55 -7.61 5.24
CA PRO B 246 14.59 -7.75 4.13
C PRO B 246 13.19 -8.13 4.57
N SER B 247 13.04 -8.88 5.66
CA SER B 247 11.70 -9.30 6.08
C SER B 247 10.90 -8.19 6.75
N GLU B 248 11.55 -7.09 7.09
CA GLU B 248 10.89 -5.92 7.64
C GLU B 248 10.37 -4.96 6.57
N ARG B 249 10.42 -5.35 5.30
CA ARG B 249 10.11 -4.47 4.19
C ARG B 249 8.75 -4.79 3.58
N VAL B 250 7.83 -5.35 4.36
CA VAL B 250 6.55 -5.79 3.83
C VAL B 250 5.68 -4.59 3.46
N ALA B 251 5.47 -3.67 4.40
CA ALA B 251 4.64 -2.48 4.10
C ALA B 251 5.17 -1.71 2.89
N ALA B 252 6.50 -1.57 2.76
CA ALA B 252 7.04 -0.86 1.60
C ALA B 252 6.87 -1.65 0.32
N SER B 253 6.91 -2.98 0.39
CA SER B 253 6.67 -3.77 -0.81
C SER B 253 5.24 -3.65 -1.26
N VAL B 254 4.31 -3.67 -0.32
CA VAL B 254 2.91 -3.46 -0.68
C VAL B 254 2.71 -2.09 -1.32
N ALA B 255 3.28 -1.06 -0.70
CA ALA B 255 3.20 0.27 -1.32
C ALA B 255 3.84 0.28 -2.69
N ALA B 256 5.00 -0.37 -2.83
CA ALA B 256 5.69 -0.36 -4.12
C ALA B 256 4.87 -1.06 -5.19
N HIS B 257 4.33 -2.23 -4.87
CA HIS B 257 3.58 -2.99 -5.88
C HIS B 257 2.25 -2.32 -6.21
N LEU B 258 1.63 -1.66 -5.24
CA LEU B 258 0.43 -0.88 -5.55
C LEU B 258 0.76 0.20 -6.57
N ILE B 259 1.84 0.96 -6.32
CA ILE B 259 2.24 2.01 -7.25
C ILE B 259 2.60 1.43 -8.61
N ALA B 260 3.35 0.32 -8.63
CA ALA B 260 3.65 -0.34 -9.90
C ALA B 260 2.38 -0.72 -10.64
N VAL B 261 1.38 -1.23 -9.92
CA VAL B 261 0.13 -1.60 -10.58
C VAL B 261 -0.59 -0.37 -11.10
N GLN B 262 -0.64 0.70 -10.30
CA GLN B 262 -1.28 1.93 -10.78
C GLN B 262 -0.59 2.47 -12.02
N ARG B 263 0.70 2.17 -12.19
CA ARG B 263 1.41 2.71 -13.34
C ARG B 263 1.57 1.69 -14.45
N GLY B 264 0.82 0.59 -14.40
CA GLY B 264 0.61 -0.25 -15.55
C GLY B 264 1.10 -1.67 -15.42
N ALA B 265 1.80 -2.01 -14.34
CA ALA B 265 2.20 -3.39 -14.15
C ALA B 265 0.96 -4.23 -13.98
N ARG B 266 0.86 -5.31 -14.75
CA ARG B 266 -0.28 -6.21 -14.68
C ARG B 266 0.04 -7.56 -14.04
N ILE B 267 1.30 -7.83 -13.69
CA ILE B 267 1.68 -8.93 -12.82
C ILE B 267 2.63 -8.36 -11.78
N VAL B 268 2.49 -8.79 -10.52
CA VAL B 268 3.47 -8.44 -9.50
C VAL B 268 4.04 -9.72 -8.90
N ARG B 269 5.39 -9.77 -8.79
CA ARG B 269 6.12 -10.93 -8.30
C ARG B 269 6.53 -10.65 -6.86
N VAL B 270 5.99 -11.40 -5.91
CA VAL B 270 6.07 -10.97 -4.52
C VAL B 270 6.36 -12.17 -3.64
N HIS B 271 7.00 -11.90 -2.50
CA HIS B 271 7.09 -12.91 -1.45
C HIS B 271 5.81 -12.93 -0.62
N ASP B 272 5.31 -11.73 -0.28
CA ASP B 272 4.17 -11.52 0.64
C ASP B 272 2.89 -11.49 -0.18
N VAL B 273 2.36 -12.70 -0.46
CA VAL B 273 1.22 -12.83 -1.35
C VAL B 273 -0.05 -12.32 -0.72
N ALA B 274 -0.40 -12.82 0.48
CA ALA B 274 -1.65 -12.42 1.11
C ALA B 274 -1.74 -10.91 1.28
N ALA B 275 -0.63 -10.29 1.63
CA ALA B 275 -0.57 -8.85 1.83
C ALA B 275 -0.76 -8.10 0.50
N THR B 276 -0.11 -8.57 -0.56
CA THR B 276 -0.28 -7.95 -1.86
C THR B 276 -1.71 -8.14 -2.36
N VAL B 277 -2.26 -9.36 -2.17
CA VAL B 277 -3.63 -9.66 -2.56
C VAL B 277 -4.62 -8.73 -1.86
N ASP B 278 -4.46 -8.54 -0.55
CA ASP B 278 -5.35 -7.67 0.22
C ASP B 278 -5.29 -6.25 -0.32
N ALA B 279 -4.08 -5.73 -0.56
CA ALA B 279 -3.94 -4.39 -1.10
C ALA B 279 -4.60 -4.25 -2.45
N LEU B 280 -4.44 -5.25 -3.32
CA LEU B 280 -5.05 -5.13 -4.65
C LEU B 280 -6.57 -5.14 -4.57
N LYS B 281 -7.13 -5.82 -3.56
CA LYS B 281 -8.57 -5.82 -3.39
C LYS B 281 -9.08 -4.43 -3.02
N ILE B 282 -8.36 -3.72 -2.15
CA ILE B 282 -8.72 -2.34 -1.86
C ILE B 282 -8.67 -1.51 -3.14
N TRP B 283 -7.58 -1.68 -3.91
CA TRP B 283 -7.39 -0.94 -5.15
C TRP B 283 -8.49 -1.24 -6.17
N GLN B 284 -8.79 -2.52 -6.38
CA GLN B 284 -9.83 -2.86 -7.35
C GLN B 284 -11.18 -2.25 -6.95
N ALA B 285 -11.49 -2.25 -5.65
CA ALA B 285 -12.74 -1.66 -5.21
C ALA B 285 -12.74 -0.16 -5.46
N VAL B 286 -11.60 0.50 -5.22
CA VAL B 286 -11.52 1.92 -5.48
C VAL B 286 -11.68 2.21 -6.97
N GLU B 287 -11.05 1.39 -7.82
CA GLU B 287 -11.09 1.62 -9.26
C GLU B 287 -12.47 1.36 -9.84
N ALA B 288 -13.24 0.47 -9.24
CA ALA B 288 -14.57 0.21 -9.74
C ALA B 288 -15.53 1.38 -9.55
N VAL B 289 -15.20 2.35 -8.72
CA VAL B 289 -16.15 3.46 -8.57
C VAL B 289 -16.12 4.32 -9.84
N PRO B 290 -17.27 4.62 -10.43
CA PRO B 290 -17.30 5.44 -11.66
C PRO B 290 -17.05 6.91 -11.35
N THR B 291 -16.11 7.51 -12.08
CA THR B 291 -15.82 8.95 -12.01
C THR B 291 -16.83 9.79 -12.80
N1 IMD C . -12.11 9.07 16.18
C2 IMD C . -12.16 10.41 16.02
N3 IMD C . -12.38 10.70 14.71
C4 IMD C . -12.46 9.52 14.04
C5 IMD C . -12.30 8.49 14.97
N1 IMD D . 13.69 -13.50 -10.98
C2 IMD D . 13.07 -13.60 -12.18
N3 IMD D . 12.65 -12.36 -12.54
C4 IMD D . 13.02 -11.48 -11.56
C5 IMD D . 13.67 -12.21 -10.56
#